data_3G78
#
_entry.id   3G78
#
_cell.length_a   89.109
_cell.length_b   94.970
_cell.length_c   225.998
_cell.angle_alpha   90.00
_cell.angle_beta   90.00
_cell.angle_gamma   90.00
#
_symmetry.space_group_name_H-M   'P 21 21 21'
#
loop_
_entity.id
_entity.type
_entity.pdbx_description
1 polymer 'Group II intron'
2 polymer 'Ligated EXON product'
3 non-polymer 'MAGNESIUM ION'
4 non-polymer 'POTASSIUM ION'
5 water water
#
loop_
_entity_poly.entity_id
_entity_poly.type
_entity_poly.pdbx_seq_one_letter_code
_entity_poly.pdbx_strand_id
1 'polyribonucleotide'
;GUGUGCCCGGCAUGGGUGCAGUCUAUAGGGUGAGAGUCCCGAACUGUGAAGGCAGAAGUAACAGUUAGCCUAACGCAAGG
GUGUCCGUGGCGACAUGGAAUCUGAAGGAAGCGGACGGCAAACCUUCGGUCUGAGGAACACGAACUUCAUAUGAGGCUAG
GUAUCAAUGGAUGAGUUUGCAUAACAAAACAAAGUCCUUUCUGCCAAAGUUGGUACAGAGUAAAUGAAGCAGAUUGAUGA
AGGGAAAGACUGCAUUCUUACCCGGGGAGGUCUGGAAACAGAAGUCAGCAGAAGUCAUAGUACCCUGUUCGCAGGGGAAG
GACGGAACAAGUAUGGCGUUCGCGCCUAAGCUUGAACCGCCGUAUACCGAACGGUACGUACGGUGGUGUGAGAGGAGUUC
GCUCUACUCUAU
;
A
2 'polyribonucleotide' UGUUAUUUU Z
#